data_6VJI
#
_entry.id   6VJI
#
_cell.length_a   67.887
_cell.length_b   67.887
_cell.length_c   149.130
_cell.angle_alpha   90.000
_cell.angle_beta   90.000
_cell.angle_gamma   120.000
#
_symmetry.space_group_name_H-M   'P 32'
#
loop_
_entity.id
_entity.type
_entity.pdbx_description
1 polymer 'Nei like DNA glycosylase 2'
2 non-polymer 'ZINC ION'
3 water water
#
_entity_poly.entity_id   1
_entity_poly.type   'polypeptide(L)'
_entity_poly.pdbx_seq_one_letter_code
;(MSE)PEGPSLRKFHQLVAPFVGQLVVTVGGNSKKINPN(MSE)LE(MSE)LRLQDSQVHGKNLYLNFGLTEDLGLPESF
LLPKHLQKKVRLPKEKSDHKLETTSRLDGQEVPGSSLAIKALELGEEEKETV(MSE)PWWLNTSQNSGLWLCFHFGLFGS
VRASELSRATKANKRGDWKDPIPRLVLHFAKGFLAFYNCRIYWCLGPTVKPTSDILSEEFDRRQALEALKQASPVSYTLL
DQRYFAGLGNIIKNEVLYLARIHPLSLGSCLTPLNLESLLDHVVSFSVGWLQKKLEGKPLHHLIYQKEQCPAGHQV
(MSE)KDSFGPPGSFQRLTWWCPHCQPKAEEKVEVTQEQLLEHHHHHH
;
_entity_poly.pdbx_strand_id   A,B
#
# COMPACT_ATOMS: atom_id res chain seq x y z
N PRO A 5 -30.37 -6.39 8.50
CA PRO A 5 -29.13 -6.80 7.84
C PRO A 5 -27.97 -6.93 8.82
N SER A 6 -27.66 -8.16 9.23
CA SER A 6 -26.55 -8.42 10.14
C SER A 6 -25.29 -8.61 9.31
N LEU A 7 -24.40 -7.61 9.33
CA LEU A 7 -23.20 -7.67 8.50
C LEU A 7 -22.24 -8.76 8.94
N ARG A 8 -22.40 -9.28 10.16
CA ARG A 8 -21.58 -10.42 10.58
C ARG A 8 -21.84 -11.63 9.70
N LYS A 9 -23.11 -11.91 9.41
CA LYS A 9 -23.45 -12.99 8.49
C LYS A 9 -22.89 -12.72 7.10
N PHE A 10 -22.98 -11.47 6.64
CA PHE A 10 -22.43 -11.11 5.34
C PHE A 10 -20.93 -11.39 5.28
N HIS A 11 -20.21 -11.02 6.33
CA HIS A 11 -18.77 -11.27 6.37
C HIS A 11 -18.48 -12.76 6.42
N GLN A 12 -19.28 -13.52 7.18
CA GLN A 12 -19.13 -14.97 7.20
C GLN A 12 -19.31 -15.56 5.80
N LEU A 13 -20.24 -15.00 5.03
CA LEU A 13 -20.46 -15.47 3.66
C LEU A 13 -19.28 -15.11 2.77
N VAL A 14 -18.75 -13.88 2.90
CA VAL A 14 -17.68 -13.43 2.03
C VAL A 14 -16.36 -14.14 2.36
N ALA A 15 -16.17 -14.56 3.61
CA ALA A 15 -14.86 -15.02 4.06
C ALA A 15 -14.28 -16.19 3.26
N PRO A 16 -15.03 -17.22 2.88
CA PRO A 16 -14.41 -18.35 2.16
C PRO A 16 -13.79 -17.98 0.81
N PHE A 17 -14.11 -16.81 0.26
CA PHE A 17 -13.58 -16.41 -1.04
C PHE A 17 -12.33 -15.54 -0.94
N VAL A 18 -11.90 -15.19 0.27
CA VAL A 18 -10.73 -14.32 0.43
C VAL A 18 -9.48 -15.05 -0.08
N GLY A 19 -8.67 -14.35 -0.86
CA GLY A 19 -7.50 -14.92 -1.49
C GLY A 19 -7.74 -15.59 -2.82
N GLN A 20 -8.98 -15.62 -3.31
CA GLN A 20 -9.30 -16.25 -4.57
C GLN A 20 -9.35 -15.21 -5.69
N LEU A 21 -8.90 -15.60 -6.87
CA LEU A 21 -8.97 -14.74 -8.04
C LEU A 21 -10.41 -14.56 -8.51
N VAL A 22 -10.70 -13.38 -9.06
CA VAL A 22 -12.01 -13.07 -9.61
C VAL A 22 -12.02 -13.42 -11.09
N VAL A 23 -12.86 -14.38 -11.47
CA VAL A 23 -12.86 -14.87 -12.85
C VAL A 23 -13.63 -13.91 -13.76
N THR A 24 -14.83 -13.51 -13.35
CA THR A 24 -15.66 -12.62 -14.14
C THR A 24 -16.68 -11.97 -13.22
N VAL A 25 -17.38 -10.96 -13.75
CA VAL A 25 -18.31 -10.16 -12.96
C VAL A 25 -19.66 -10.09 -13.68
N GLY A 26 -20.68 -9.70 -12.91
CA GLY A 26 -22.01 -9.50 -13.44
C GLY A 26 -22.75 -8.50 -12.57
N GLY A 27 -23.97 -8.20 -12.97
CA GLY A 27 -24.82 -7.25 -12.27
C GLY A 27 -25.23 -6.09 -13.15
N ASN A 28 -26.10 -5.25 -12.59
CA ASN A 28 -26.66 -4.10 -13.31
C ASN A 28 -26.06 -2.77 -12.87
N SER A 29 -25.10 -2.77 -11.94
CA SER A 29 -24.44 -1.55 -11.50
C SER A 29 -23.11 -1.44 -12.25
N LYS A 30 -23.12 -0.70 -13.35
CA LYS A 30 -21.93 -0.44 -14.14
C LYS A 30 -21.36 0.95 -13.91
N LYS A 31 -21.80 1.64 -12.84
CA LYS A 31 -21.26 2.96 -12.54
C LYS A 31 -19.79 2.89 -12.18
N ILE A 32 -19.38 1.83 -11.46
CA ILE A 32 -17.97 1.67 -11.08
C ILE A 32 -17.19 0.84 -12.09
N ASN A 33 -17.85 0.26 -13.09
CA ASN A 33 -17.23 -0.61 -14.09
C ASN A 33 -16.53 -1.77 -13.39
N PRO A 34 -17.29 -2.72 -12.83
CA PRO A 34 -16.67 -3.83 -12.08
C PRO A 34 -15.77 -4.73 -12.91
N ASN A 35 -15.73 -4.56 -14.24
CA ASN A 35 -14.85 -5.36 -15.07
C ASN A 35 -13.38 -5.09 -14.81
N LEU A 37 -12.10 -5.53 -11.99
CA LEU A 37 -11.76 -6.54 -10.99
C LEU A 37 -11.39 -7.89 -11.59
N GLU A 38 -11.48 -8.05 -12.91
CA GLU A 38 -11.10 -9.31 -13.52
C GLU A 38 -9.62 -9.57 -13.32
N LEU A 40 -8.09 -10.26 -10.67
CA LEU A 40 -7.63 -9.72 -9.40
C LEU A 40 -8.13 -10.59 -8.27
N ARG A 41 -7.43 -10.50 -7.13
CA ARG A 41 -7.66 -11.35 -5.97
C ARG A 41 -8.38 -10.57 -4.88
N LEU A 42 -9.33 -11.23 -4.22
CA LEU A 42 -10.02 -10.64 -3.07
C LEU A 42 -9.09 -10.74 -1.87
N GLN A 43 -8.24 -9.73 -1.71
CA GLN A 43 -7.15 -9.82 -0.76
C GLN A 43 -7.60 -9.65 0.69
N ASP A 44 -8.72 -8.98 0.92
CA ASP A 44 -9.18 -8.78 2.29
C ASP A 44 -10.67 -8.44 2.31
N SER A 45 -11.29 -8.73 3.45
CA SER A 45 -12.69 -8.39 3.70
C SER A 45 -12.84 -8.00 5.16
N GLN A 46 -13.50 -6.85 5.41
CA GLN A 46 -13.66 -6.35 6.76
C GLN A 46 -15.00 -5.65 6.90
N VAL A 47 -15.50 -5.58 8.12
CA VAL A 47 -16.77 -4.95 8.44
C VAL A 47 -16.57 -3.93 9.56
N HIS A 48 -17.09 -2.72 9.36
CA HIS A 48 -17.04 -1.68 10.39
C HIS A 48 -18.25 -0.77 10.24
N GLY A 49 -19.20 -0.88 11.19
CA GLY A 49 -20.30 0.06 11.29
C GLY A 49 -21.20 0.17 10.08
N LYS A 50 -21.94 -0.90 9.78
CA LYS A 50 -22.94 -0.92 8.71
C LYS A 50 -22.32 -0.71 7.33
N ASN A 51 -21.03 -1.04 7.17
CA ASN A 51 -20.38 -0.99 5.88
C ASN A 51 -19.48 -2.21 5.73
N LEU A 52 -19.38 -2.70 4.49
CA LEU A 52 -18.54 -3.85 4.16
C LEU A 52 -17.45 -3.41 3.20
N TYR A 53 -16.20 -3.69 3.57
CA TYR A 53 -15.04 -3.28 2.79
C TYR A 53 -14.35 -4.49 2.21
N LEU A 54 -14.15 -4.49 0.89
CA LEU A 54 -13.46 -5.56 0.18
C LEU A 54 -12.27 -4.97 -0.56
N ASN A 55 -11.14 -5.68 -0.50
CA ASN A 55 -9.89 -5.23 -1.10
C ASN A 55 -9.50 -6.19 -2.22
N PHE A 56 -9.18 -5.63 -3.39
CA PHE A 56 -8.79 -6.41 -4.56
C PHE A 56 -7.40 -5.96 -5.01
N GLY A 57 -6.53 -6.93 -5.27
CA GLY A 57 -5.19 -6.59 -5.73
C GLY A 57 -4.39 -7.83 -6.04
N LEU A 58 -3.11 -7.62 -6.35
CA LEU A 58 -2.16 -8.69 -6.67
C LEU A 58 -0.91 -8.49 -5.82
N THR A 59 -0.92 -8.99 -4.60
CA THR A 59 0.20 -8.86 -3.67
C THR A 59 0.94 -10.18 -3.57
N GLU A 60 2.22 -10.17 -3.94
CA GLU A 60 3.09 -11.33 -3.83
C GLU A 60 3.83 -11.27 -2.49
N ASP A 61 4.90 -12.06 -2.36
CA ASP A 61 5.72 -12.09 -1.17
C ASP A 61 6.26 -10.70 -0.85
N LEU A 62 6.43 -10.42 0.44
CA LEU A 62 7.02 -9.19 0.96
C LEU A 62 6.19 -7.96 0.64
N GLY A 63 4.97 -8.12 0.13
CA GLY A 63 4.14 -7.00 -0.24
C GLY A 63 4.38 -6.44 -1.62
N LEU A 64 5.11 -7.15 -2.48
CA LEU A 64 5.45 -6.64 -3.81
C LEU A 64 4.43 -7.10 -4.85
N PRO A 65 4.14 -6.26 -5.83
CA PRO A 65 3.24 -6.67 -6.91
C PRO A 65 3.85 -7.78 -7.76
N GLU A 66 3.05 -8.31 -8.67
CA GLU A 66 3.49 -9.42 -9.51
C GLU A 66 4.62 -9.01 -10.43
N SER A 67 4.46 -7.89 -11.15
CA SER A 67 5.49 -7.35 -12.03
C SER A 67 5.84 -5.96 -11.53
N PHE A 68 7.15 -5.69 -11.38
CA PHE A 68 7.60 -4.52 -10.66
C PHE A 68 8.57 -3.70 -11.50
N LEU A 69 8.37 -2.38 -11.45
CA LEU A 69 9.30 -1.41 -12.02
C LEU A 69 9.57 -0.35 -10.99
N LEU A 70 10.85 -0.09 -10.72
CA LEU A 70 11.23 0.80 -9.61
C LEU A 70 11.07 2.28 -9.96
N PRO A 71 11.66 2.80 -11.05
CA PRO A 71 12.47 2.21 -12.11
C PRO A 71 13.97 2.45 -11.91
N ASN A 130 0.19 -1.16 -7.24
CA ASN A 130 -0.47 -0.40 -6.18
C ASN A 130 -0.51 -1.17 -4.88
N SER A 131 -1.35 -0.70 -3.95
CA SER A 131 -1.59 -1.39 -2.69
C SER A 131 -2.96 -2.07 -2.66
N GLY A 132 -3.66 -2.11 -3.79
CA GLY A 132 -4.97 -2.72 -3.87
C GLY A 132 -6.09 -1.69 -3.91
N LEU A 133 -7.23 -2.11 -4.46
CA LEU A 133 -8.41 -1.29 -4.56
C LEU A 133 -9.43 -1.68 -3.49
N TRP A 134 -10.11 -0.67 -2.94
CA TRP A 134 -11.12 -0.89 -1.92
C TRP A 134 -12.50 -0.57 -2.49
N LEU A 135 -13.42 -1.54 -2.37
CA LEU A 135 -14.82 -1.35 -2.74
C LEU A 135 -15.66 -1.35 -1.47
N CYS A 136 -16.51 -0.34 -1.33
CA CYS A 136 -17.35 -0.21 -0.14
C CYS A 136 -18.79 -0.59 -0.49
N PHE A 137 -19.40 -1.40 0.37
CA PHE A 137 -20.80 -1.80 0.23
C PHE A 137 -21.57 -1.26 1.42
N HIS A 138 -22.45 -0.30 1.18
CA HIS A 138 -23.31 0.26 2.21
C HIS A 138 -24.68 -0.40 2.09
N PHE A 139 -25.00 -1.26 3.05
CA PHE A 139 -26.24 -2.03 3.01
C PHE A 139 -27.37 -1.25 3.67
N GLY A 140 -28.47 -1.09 2.95
CA GLY A 140 -29.64 -0.42 3.46
C GLY A 140 -30.45 -1.33 4.37
N LEU A 141 -31.73 -1.00 4.49
CA LEU A 141 -32.63 -1.81 5.31
C LEU A 141 -32.84 -3.19 4.72
N PHE A 142 -32.88 -3.31 3.40
CA PHE A 142 -33.14 -4.58 2.72
C PHE A 142 -31.93 -5.09 1.97
N GLY A 143 -30.74 -4.54 2.21
CA GLY A 143 -29.54 -5.05 1.56
C GLY A 143 -29.20 -6.45 2.02
N SER A 144 -28.59 -7.21 1.13
CA SER A 144 -28.20 -8.59 1.43
C SER A 144 -27.10 -9.02 0.48
N VAL A 145 -26.42 -10.11 0.86
CA VAL A 145 -25.45 -10.77 0.00
C VAL A 145 -25.74 -12.26 0.01
N ARG A 146 -25.53 -12.91 -1.14
CA ARG A 146 -25.76 -14.33 -1.29
C ARG A 146 -24.47 -15.02 -1.70
N ALA A 147 -24.37 -16.31 -1.37
CA ALA A 147 -23.19 -17.11 -1.69
C ALA A 147 -23.60 -18.27 -2.59
N SER A 148 -23.15 -18.24 -3.84
CA SER A 148 -23.38 -19.28 -4.84
C SER A 148 -24.85 -19.53 -5.11
N GLU A 149 -25.74 -18.63 -4.67
CA GLU A 149 -27.17 -18.75 -4.91
C GLU A 149 -27.73 -17.37 -5.19
N LEU A 150 -28.88 -17.35 -5.87
CA LEU A 150 -29.54 -16.10 -6.24
C LEU A 150 -30.87 -15.99 -5.51
N SER A 151 -31.15 -14.80 -4.97
CA SER A 151 -32.40 -14.55 -4.29
C SER A 151 -33.55 -14.54 -5.30
N ARG A 152 -34.75 -14.80 -4.79
CA ARG A 152 -35.96 -14.78 -5.60
C ARG A 152 -36.96 -13.79 -5.01
N ALA A 153 -37.90 -13.36 -5.85
CA ALA A 153 -38.79 -12.28 -5.45
C ALA A 153 -39.79 -12.77 -4.41
N THR A 154 -40.39 -11.81 -3.70
CA THR A 154 -41.38 -12.10 -2.68
C THR A 154 -42.74 -11.48 -3.01
N LYS A 155 -43.21 -11.69 -4.24
CA LYS A 155 -44.55 -11.30 -4.68
C LYS A 155 -44.77 -9.79 -4.53
N ALA A 156 -43.99 -9.02 -5.27
CA ALA A 156 -44.27 -7.58 -5.35
C ALA A 156 -45.02 -7.23 -6.64
N LYS A 163 -41.30 -10.12 -10.52
CA LYS A 163 -40.06 -10.59 -11.14
C LYS A 163 -38.92 -10.64 -10.12
N ASP A 164 -37.97 -11.54 -10.36
CA ASP A 164 -36.88 -11.73 -9.42
C ASP A 164 -36.03 -10.47 -9.31
N PRO A 165 -35.50 -10.17 -8.13
CA PRO A 165 -34.62 -9.02 -7.99
C PRO A 165 -33.31 -9.23 -8.73
N ILE A 166 -32.79 -8.14 -9.27
CA ILE A 166 -31.55 -8.15 -10.05
C ILE A 166 -30.40 -7.73 -9.14
N PRO A 167 -29.33 -8.51 -9.05
CA PRO A 167 -28.22 -8.15 -8.14
C PRO A 167 -27.47 -6.94 -8.64
N ARG A 168 -27.08 -6.07 -7.70
CA ARG A 168 -26.26 -4.92 -8.05
C ARG A 168 -24.89 -5.35 -8.55
N LEU A 169 -24.33 -6.42 -7.99
CA LEU A 169 -23.03 -6.91 -8.40
C LEU A 169 -22.96 -8.43 -8.17
N VAL A 170 -22.28 -9.12 -9.08
CA VAL A 170 -21.99 -10.54 -8.93
C VAL A 170 -20.51 -10.75 -9.24
N LEU A 171 -19.79 -11.37 -8.31
CA LEU A 171 -18.36 -11.63 -8.46
C LEU A 171 -18.16 -13.15 -8.52
N HIS A 172 -17.53 -13.62 -9.58
CA HIS A 172 -17.35 -15.04 -9.82
C HIS A 172 -15.94 -15.49 -9.44
N PHE A 173 -15.87 -16.51 -8.60
CA PHE A 173 -14.63 -17.21 -8.28
C PHE A 173 -14.80 -18.66 -8.72
N ALA A 174 -13.66 -19.33 -8.92
CA ALA A 174 -13.69 -20.74 -9.29
C ALA A 174 -14.48 -21.56 -8.27
N LYS A 175 -14.34 -21.23 -6.98
CA LYS A 175 -15.08 -21.95 -5.94
C LYS A 175 -16.56 -21.62 -5.98
N GLY A 176 -16.90 -20.35 -6.19
CA GLY A 176 -18.30 -19.93 -6.15
C GLY A 176 -18.40 -18.47 -6.49
N PHE A 177 -19.57 -17.89 -6.19
CA PHE A 177 -19.80 -16.50 -6.53
C PHE A 177 -20.55 -15.80 -5.40
N LEU A 178 -20.44 -14.47 -5.39
CA LEU A 178 -21.10 -13.61 -4.42
C LEU A 178 -22.01 -12.63 -5.17
N ALA A 179 -23.23 -12.48 -4.68
CA ALA A 179 -24.20 -11.56 -5.26
C ALA A 179 -24.66 -10.59 -4.18
N PHE A 180 -24.69 -9.30 -4.50
CA PHE A 180 -25.03 -8.26 -3.55
C PHE A 180 -26.30 -7.56 -3.99
N TYR A 181 -27.26 -7.45 -3.07
CA TYR A 181 -28.60 -6.98 -3.36
C TYR A 181 -28.91 -5.70 -2.59
N ASN A 182 -29.54 -4.76 -3.27
CA ASN A 182 -30.04 -3.51 -2.70
C ASN A 182 -29.00 -2.84 -1.80
N CYS A 183 -27.85 -2.50 -2.41
CA CYS A 183 -26.77 -1.89 -1.65
C CYS A 183 -26.09 -0.82 -2.51
N ARG A 184 -25.53 0.17 -1.83
CA ARG A 184 -24.71 1.18 -2.50
C ARG A 184 -23.29 0.63 -2.67
N ILE A 185 -22.75 0.77 -3.88
CA ILE A 185 -21.44 0.21 -4.23
C ILE A 185 -20.59 1.33 -4.81
N TYR A 186 -19.47 1.65 -4.16
CA TYR A 186 -18.61 2.74 -4.59
C TYR A 186 -17.18 2.48 -4.12
N TRP A 187 -16.22 3.01 -4.86
CA TRP A 187 -14.83 2.95 -4.43
C TRP A 187 -14.62 3.82 -3.20
N CYS A 188 -13.66 3.44 -2.37
CA CYS A 188 -13.34 4.18 -1.17
C CYS A 188 -11.87 3.98 -0.83
N LEU A 189 -11.37 4.80 0.11
CA LEU A 189 -9.98 4.68 0.52
C LEU A 189 -9.74 3.39 1.29
N GLY A 190 -10.71 2.97 2.10
CA GLY A 190 -10.61 1.72 2.82
C GLY A 190 -10.97 1.85 4.29
N PRO A 191 -10.80 0.75 5.03
CA PRO A 191 -11.17 0.77 6.45
C PRO A 191 -10.23 1.60 7.32
N THR A 192 -8.96 1.75 6.92
CA THR A 192 -7.99 2.42 7.77
C THR A 192 -8.40 3.85 8.09
N VAL A 193 -9.06 4.53 7.17
CA VAL A 193 -9.51 5.90 7.36
C VAL A 193 -10.98 5.89 7.75
N LYS A 194 -11.37 6.83 8.62
CA LYS A 194 -12.76 6.94 8.99
C LYS A 194 -13.61 7.34 7.78
N PRO A 195 -14.77 6.72 7.58
CA PRO A 195 -15.59 7.08 6.41
C PRO A 195 -16.05 8.53 6.42
N THR A 196 -16.22 9.13 7.59
CA THR A 196 -16.63 10.53 7.66
C THR A 196 -15.59 11.45 7.05
N SER A 197 -14.31 11.07 7.12
CA SER A 197 -13.26 11.88 6.50
C SER A 197 -13.10 11.57 5.01
N ASP A 198 -13.46 10.37 4.59
CA ASP A 198 -13.23 9.95 3.21
C ASP A 198 -14.04 10.80 2.24
N ILE A 199 -13.36 11.44 1.29
CA ILE A 199 -14.06 12.27 0.31
C ILE A 199 -14.76 11.40 -0.74
N LEU A 200 -14.22 10.21 -1.03
CA LEU A 200 -14.85 9.33 -2.01
C LEU A 200 -16.11 8.68 -1.46
N SER A 201 -16.13 8.38 -0.16
CA SER A 201 -17.26 7.67 0.43
C SER A 201 -18.50 8.54 0.44
N GLU A 202 -19.66 7.92 0.17
CA GLU A 202 -20.92 8.65 0.21
C GLU A 202 -21.22 9.18 1.62
N GLU A 203 -20.75 8.47 2.64
CA GLU A 203 -20.94 8.90 4.04
C GLU A 203 -19.83 9.88 4.42
N PHE A 204 -19.82 11.02 3.74
CA PHE A 204 -18.82 12.06 3.93
C PHE A 204 -19.38 13.14 4.84
N ASP A 205 -18.65 13.44 5.92
CA ASP A 205 -19.11 14.37 6.94
C ASP A 205 -18.89 15.79 6.43
N ARG A 206 -19.86 16.28 5.65
CA ARG A 206 -19.75 17.62 5.10
C ARG A 206 -19.88 18.69 6.17
N ARG A 207 -20.53 18.38 7.28
CA ARG A 207 -20.55 19.31 8.41
C ARG A 207 -19.14 19.51 8.96
N GLN A 208 -18.45 18.39 9.23
CA GLN A 208 -17.05 18.45 9.64
C GLN A 208 -16.20 19.16 8.59
N ALA A 209 -16.43 18.87 7.32
CA ALA A 209 -15.62 19.47 6.26
C ALA A 209 -15.80 20.98 6.21
N LEU A 210 -17.03 21.47 6.32
CA LEU A 210 -17.26 22.91 6.27
C LEU A 210 -16.80 23.58 7.55
N GLU A 211 -16.92 22.89 8.70
CA GLU A 211 -16.35 23.42 9.94
C GLU A 211 -14.84 23.60 9.81
N ALA A 212 -14.18 22.67 9.12
CA ALA A 212 -12.75 22.82 8.88
C ALA A 212 -12.47 23.94 7.87
N LEU A 213 -13.31 24.07 6.86
CA LEU A 213 -13.08 25.06 5.81
C LEU A 213 -13.29 26.48 6.31
N LYS A 214 -14.20 26.68 7.26
CA LYS A 214 -14.47 28.02 7.78
C LYS A 214 -13.36 28.56 8.66
N GLN A 215 -12.30 27.78 8.91
CA GLN A 215 -11.22 28.22 9.78
C GLN A 215 -10.47 29.40 9.17
N ALA A 216 -9.52 29.93 9.94
CA ALA A 216 -8.77 31.11 9.49
C ALA A 216 -7.81 30.77 8.34
N SER A 217 -7.17 29.59 8.40
CA SER A 217 -6.09 29.26 7.49
C SER A 217 -6.53 29.30 6.03
N PRO A 218 -5.60 29.48 5.11
CA PRO A 218 -5.94 29.45 3.68
C PRO A 218 -6.49 28.10 3.26
N VAL A 219 -7.23 28.12 2.16
CA VAL A 219 -8.01 26.95 1.74
C VAL A 219 -7.11 25.77 1.39
N SER A 220 -5.92 26.02 0.83
CA SER A 220 -5.04 24.91 0.48
C SER A 220 -4.62 24.13 1.71
N TYR A 221 -4.31 24.84 2.80
CA TYR A 221 -3.85 24.18 4.02
C TYR A 221 -4.96 23.34 4.63
N THR A 222 -6.19 23.85 4.64
CA THR A 222 -7.31 23.09 5.17
C THR A 222 -7.65 21.90 4.28
N LEU A 223 -7.63 22.10 2.95
CA LEU A 223 -7.92 21.01 2.02
C LEU A 223 -6.93 19.87 2.18
N LEU A 224 -5.65 20.19 2.41
CA LEU A 224 -4.65 19.14 2.53
C LEU A 224 -4.70 18.41 3.87
N ASP A 225 -5.53 18.86 4.81
CA ASP A 225 -5.66 18.20 6.11
C ASP A 225 -6.40 16.88 5.93
N GLN A 226 -5.68 15.77 6.11
CA GLN A 226 -6.28 14.44 5.92
C GLN A 226 -7.32 14.11 6.98
N ARG A 227 -7.26 14.74 8.15
CA ARG A 227 -8.23 14.45 9.20
C ARG A 227 -9.67 14.74 8.75
N TYR A 228 -9.84 15.71 7.85
CA TYR A 228 -11.17 16.11 7.39
C TYR A 228 -11.39 15.94 5.90
N PHE A 229 -10.32 15.89 5.10
CA PHE A 229 -10.39 15.73 3.65
C PHE A 229 -9.50 14.60 3.20
N ALA A 230 -9.64 13.44 3.84
CA ALA A 230 -8.75 12.31 3.60
C ALA A 230 -8.75 11.90 2.13
N GLY A 231 -7.57 11.54 1.64
CA GLY A 231 -7.38 11.15 0.26
C GLY A 231 -7.14 12.30 -0.70
N LEU A 232 -7.33 13.54 -0.25
CA LEU A 232 -7.14 14.70 -1.12
C LEU A 232 -5.66 15.06 -1.17
N GLY A 233 -5.08 15.02 -2.37
CA GLY A 233 -3.69 15.33 -2.59
C GLY A 233 -3.50 16.62 -3.36
N ASN A 234 -2.33 16.73 -4.01
CA ASN A 234 -1.94 17.96 -4.68
C ASN A 234 -2.82 18.24 -5.90
N ILE A 235 -2.99 17.23 -6.77
CA ILE A 235 -3.67 17.45 -8.04
C ILE A 235 -5.13 17.81 -7.80
N ILE A 236 -5.81 17.06 -6.93
CA ILE A 236 -7.20 17.38 -6.60
C ILE A 236 -7.28 18.77 -5.98
N LYS A 237 -6.32 19.11 -5.13
CA LYS A 237 -6.31 20.45 -4.53
C LYS A 237 -6.31 21.53 -5.60
N ASN A 238 -5.34 21.46 -6.52
CA ASN A 238 -5.21 22.51 -7.53
C ASN A 238 -6.42 22.55 -8.47
N GLU A 239 -6.88 21.38 -8.93
CA GLU A 239 -7.99 21.36 -9.87
C GLU A 239 -9.27 21.85 -9.23
N VAL A 240 -9.57 21.39 -8.00
CA VAL A 240 -10.77 21.83 -7.30
C VAL A 240 -10.70 23.32 -7.00
N LEU A 241 -9.51 23.83 -6.69
CA LEU A 241 -9.38 25.27 -6.44
C LEU A 241 -9.65 26.07 -7.71
N TYR A 242 -9.15 25.62 -8.85
CA TYR A 242 -9.42 26.35 -10.08
C TYR A 242 -10.90 26.27 -10.46
N LEU A 243 -11.52 25.10 -10.26
CA LEU A 243 -12.91 24.91 -10.68
C LEU A 243 -13.84 25.87 -9.97
N ALA A 244 -13.58 26.15 -8.68
CA ALA A 244 -14.37 27.13 -7.96
C ALA A 244 -13.90 28.56 -8.19
N ARG A 245 -12.82 28.76 -8.95
CA ARG A 245 -12.29 30.08 -9.28
C ARG A 245 -11.94 30.88 -8.04
N ILE A 246 -11.30 30.24 -7.06
CA ILE A 246 -10.91 30.89 -5.81
C ILE A 246 -9.40 30.78 -5.66
N HIS A 247 -8.81 31.78 -5.02
CA HIS A 247 -7.36 31.82 -4.87
C HIS A 247 -6.90 30.80 -3.83
N PRO A 248 -5.76 30.15 -4.06
CA PRO A 248 -5.27 29.15 -3.08
C PRO A 248 -5.00 29.72 -1.71
N LEU A 249 -4.60 30.99 -1.62
CA LEU A 249 -4.25 31.60 -0.34
C LEU A 249 -5.41 32.35 0.30
N SER A 250 -6.58 32.35 -0.33
CA SER A 250 -7.75 32.98 0.26
C SER A 250 -8.13 32.29 1.57
N LEU A 251 -8.52 33.07 2.56
CA LEU A 251 -8.86 32.53 3.86
C LEU A 251 -10.28 31.95 3.85
N GLY A 252 -10.48 30.88 4.63
CA GLY A 252 -11.78 30.27 4.71
C GLY A 252 -12.81 31.11 5.44
N SER A 253 -12.36 32.03 6.29
CA SER A 253 -13.27 32.97 6.94
C SER A 253 -13.71 34.07 5.99
N CYS A 254 -12.85 34.46 5.05
CA CYS A 254 -13.10 35.57 4.14
C CYS A 254 -13.69 35.11 2.81
N LEU A 255 -14.41 33.99 2.79
CA LEU A 255 -15.03 33.48 1.58
C LEU A 255 -16.54 33.36 1.78
N THR A 256 -17.27 33.53 0.69
CA THR A 256 -18.72 33.43 0.74
C THR A 256 -19.15 31.98 0.88
N PRO A 257 -20.28 31.73 1.55
CA PRO A 257 -20.78 30.35 1.63
C PRO A 257 -21.11 29.76 0.26
N LEU A 258 -21.43 30.59 -0.73
CA LEU A 258 -21.61 30.11 -2.08
C LEU A 258 -20.34 29.46 -2.61
N ASN A 259 -19.21 30.17 -2.51
CA ASN A 259 -17.94 29.63 -2.97
C ASN A 259 -17.54 28.40 -2.15
N LEU A 260 -17.84 28.41 -0.85
CA LEU A 260 -17.49 27.26 -0.02
C LEU A 260 -18.25 26.02 -0.45
N GLU A 261 -19.56 26.16 -0.68
CA GLU A 261 -20.37 25.03 -1.14
C GLU A 261 -19.93 24.56 -2.52
N SER A 262 -19.61 25.51 -3.41
CA SER A 262 -19.15 25.13 -4.74
C SER A 262 -17.84 24.34 -4.68
N LEU A 263 -16.88 24.83 -3.88
CA LEU A 263 -15.62 24.12 -3.68
C LEU A 263 -15.86 22.72 -3.11
N LEU A 264 -16.70 22.63 -2.07
CA LEU A 264 -16.91 21.35 -1.41
C LEU A 264 -17.57 20.35 -2.34
N ASP A 265 -18.48 20.81 -3.19
CA ASP A 265 -19.11 19.91 -4.16
C ASP A 265 -18.15 19.52 -5.26
N HIS A 266 -17.33 20.46 -5.74
CA HIS A 266 -16.34 20.14 -6.75
C HIS A 266 -15.33 19.13 -6.23
N VAL A 267 -15.04 19.14 -4.93
CA VAL A 267 -14.20 18.11 -4.34
C VAL A 267 -14.75 16.72 -4.66
N VAL A 268 -16.00 16.48 -4.27
CA VAL A 268 -16.60 15.15 -4.42
C VAL A 268 -16.76 14.81 -5.90
N SER A 269 -17.09 15.79 -6.73
CA SER A 269 -17.27 15.51 -8.16
C SER A 269 -15.94 15.13 -8.81
N PHE A 270 -14.95 16.01 -8.71
CA PHE A 270 -13.68 15.80 -9.38
C PHE A 270 -12.95 14.58 -8.83
N SER A 271 -13.08 14.29 -7.53
CA SER A 271 -12.40 13.12 -6.98
C SER A 271 -12.86 11.84 -7.67
N VAL A 272 -14.18 11.61 -7.71
CA VAL A 272 -14.69 10.38 -8.30
C VAL A 272 -14.45 10.38 -9.81
N GLY A 273 -14.57 11.53 -10.47
CA GLY A 273 -14.29 11.56 -11.90
C GLY A 273 -12.86 11.21 -12.24
N TRP A 274 -11.91 11.83 -11.52
CA TRP A 274 -10.50 11.55 -11.70
C TRP A 274 -10.18 10.10 -11.38
N LEU A 275 -10.78 9.55 -10.32
CA LEU A 275 -10.55 8.16 -9.97
C LEU A 275 -11.00 7.23 -11.09
N GLN A 276 -12.22 7.44 -11.60
CA GLN A 276 -12.71 6.58 -12.67
C GLN A 276 -11.88 6.72 -13.93
N LYS A 277 -11.42 7.93 -14.24
CA LYS A 277 -10.55 8.13 -15.39
C LYS A 277 -9.21 7.41 -15.21
N LYS A 278 -8.69 7.41 -13.98
CA LYS A 278 -7.38 6.81 -13.72
C LYS A 278 -7.43 5.29 -13.73
N LEU A 279 -8.48 4.72 -13.13
CA LEU A 279 -8.61 3.26 -13.11
C LEU A 279 -8.69 2.70 -14.54
N GLU A 280 -9.58 3.25 -15.36
CA GLU A 280 -9.72 2.80 -16.73
C GLU A 280 -8.51 3.14 -17.60
N GLY A 281 -7.53 3.88 -17.08
CA GLY A 281 -6.35 4.22 -17.84
C GLY A 281 -6.56 5.25 -18.93
N LYS A 282 -7.75 5.80 -19.06
CA LYS A 282 -8.01 6.78 -20.10
C LYS A 282 -7.16 8.03 -19.85
N PRO A 283 -6.63 8.66 -20.90
CA PRO A 283 -5.84 9.88 -20.71
C PRO A 283 -6.69 10.99 -20.10
N LEU A 284 -6.11 11.67 -19.12
CA LEU A 284 -6.79 12.73 -18.39
C LEU A 284 -6.19 14.07 -18.79
N HIS A 285 -7.05 15.03 -19.12
CA HIS A 285 -6.62 16.36 -19.53
C HIS A 285 -6.65 17.27 -18.31
N HIS A 286 -5.48 17.75 -17.89
CA HIS A 286 -5.38 18.62 -16.74
C HIS A 286 -5.74 20.05 -17.12
N LEU A 287 -6.53 20.70 -16.26
CA LEU A 287 -6.98 22.05 -16.55
C LEU A 287 -5.94 23.09 -16.12
N ILE A 288 -5.51 23.04 -14.87
CA ILE A 288 -4.56 24.02 -14.34
C ILE A 288 -3.29 23.38 -13.78
N TYR A 289 -3.26 22.06 -13.61
CA TYR A 289 -2.10 21.39 -13.03
C TYR A 289 -1.01 21.26 -14.08
N GLN A 290 0.15 21.86 -13.80
CA GLN A 290 1.31 21.85 -14.70
C GLN A 290 0.98 22.42 -16.07
N LYS A 291 0.05 23.38 -16.12
CA LYS A 291 -0.36 24.02 -17.35
C LYS A 291 0.23 25.42 -17.41
N GLU A 292 0.85 25.76 -18.55
CA GLU A 292 1.45 27.09 -18.69
C GLU A 292 0.36 28.17 -18.77
N GLN A 293 -0.70 27.91 -19.52
CA GLN A 293 -1.80 28.85 -19.68
C GLN A 293 -3.09 28.20 -19.20
N CYS A 294 -3.96 29.01 -18.61
CA CYS A 294 -5.24 28.54 -18.11
C CYS A 294 -6.15 28.16 -19.27
N PRO A 295 -7.32 27.55 -18.99
CA PRO A 295 -8.29 27.35 -20.07
C PRO A 295 -8.68 28.63 -20.79
N ALA A 296 -8.85 29.74 -20.05
CA ALA A 296 -9.09 31.01 -20.70
C ALA A 296 -7.86 31.51 -21.45
N GLY A 297 -6.67 31.18 -20.96
CA GLY A 297 -5.42 31.53 -21.64
C GLY A 297 -4.50 32.43 -20.84
N HIS A 298 -4.85 32.84 -19.62
CA HIS A 298 -3.96 33.66 -18.81
C HIS A 298 -2.76 32.83 -18.35
N GLN A 299 -1.59 33.48 -18.30
CA GLN A 299 -0.40 32.81 -17.80
C GLN A 299 -0.63 32.31 -16.38
N VAL A 300 -0.17 31.09 -16.11
CA VAL A 300 -0.38 30.43 -14.83
C VAL A 300 0.86 30.60 -13.96
N LYS A 302 3.24 29.63 -10.56
CA LYS A 302 3.65 28.45 -9.81
C LYS A 302 4.52 28.85 -8.64
N ASP A 303 4.19 28.35 -7.45
CA ASP A 303 4.98 28.60 -6.25
C ASP A 303 4.63 27.50 -5.24
N SER A 304 5.38 27.46 -4.15
CA SER A 304 5.24 26.43 -3.13
C SER A 304 4.69 27.02 -1.85
N PHE A 305 3.61 26.42 -1.33
CA PHE A 305 3.02 26.81 -0.06
C PHE A 305 2.60 25.56 0.71
N GLY A 306 2.66 25.67 2.04
CA GLY A 306 2.18 24.62 2.90
C GLY A 306 2.02 25.09 4.34
N PRO A 307 1.47 24.24 5.21
CA PRO A 307 1.32 24.65 6.62
C PRO A 307 2.56 24.34 7.46
N PHE A 311 4.82 21.57 5.72
CA PHE A 311 5.58 21.00 4.62
C PHE A 311 5.01 21.58 3.33
N GLN A 312 5.91 22.03 2.45
CA GLN A 312 5.52 22.84 1.31
C GLN A 312 5.25 21.97 0.09
N ARG A 313 4.28 22.38 -0.72
CA ARG A 313 3.88 21.64 -1.91
C ARG A 313 3.75 22.62 -3.08
N LEU A 314 3.98 22.11 -4.29
CA LEU A 314 3.92 22.94 -5.47
C LEU A 314 2.46 23.26 -5.82
N THR A 315 2.23 24.52 -6.22
CA THR A 315 0.87 24.99 -6.48
C THR A 315 0.82 25.76 -7.80
N TRP A 316 -0.30 25.62 -8.49
CA TRP A 316 -0.59 26.36 -9.72
C TRP A 316 -1.89 27.13 -9.52
N TRP A 317 -1.94 28.36 -10.05
CA TRP A 317 -3.19 29.12 -10.00
C TRP A 317 -3.15 30.22 -11.05
N CYS A 318 -4.33 30.63 -11.48
CA CYS A 318 -4.49 31.75 -12.40
C CYS A 318 -4.98 32.96 -11.62
N PRO A 319 -4.13 33.97 -11.38
CA PRO A 319 -4.59 35.15 -10.62
C PRO A 319 -5.78 35.86 -11.25
N HIS A 320 -5.80 35.98 -12.58
CA HIS A 320 -6.93 36.60 -13.24
C HIS A 320 -8.23 35.84 -12.97
N CYS A 321 -8.19 34.51 -13.11
CA CYS A 321 -9.36 33.70 -12.83
C CYS A 321 -9.63 33.58 -11.34
N GLN A 322 -8.59 33.59 -10.50
CA GLN A 322 -8.73 33.37 -9.06
C GLN A 322 -8.19 34.56 -8.28
N PRO A 323 -9.01 35.58 -8.04
CA PRO A 323 -8.56 36.71 -7.22
C PRO A 323 -8.49 36.34 -5.75
N LYS A 324 -7.65 37.09 -5.02
CA LYS A 324 -7.41 36.75 -3.62
C LYS A 324 -8.62 37.10 -2.74
N ALA A 325 -9.24 38.25 -2.98
CA ALA A 325 -10.51 38.65 -2.35
C ALA A 325 -10.39 38.71 -0.82
N GLU A 326 -9.54 39.61 -0.36
CA GLU A 326 -9.44 40.03 1.06
C GLU A 326 -10.38 39.29 2.01
N PRO B 5 23.25 7.54 21.04
CA PRO B 5 22.46 7.89 19.86
C PRO B 5 20.98 8.12 20.19
N SER B 6 20.59 9.39 20.31
CA SER B 6 19.20 9.75 20.59
C SER B 6 18.47 9.90 19.27
N LEU B 7 17.62 8.91 18.96
CA LEU B 7 16.92 8.90 17.68
C LEU B 7 15.89 10.01 17.54
N ARG B 8 15.47 10.63 18.65
CA ARG B 8 14.57 11.77 18.54
C ARG B 8 15.23 12.92 17.80
N LYS B 9 16.49 13.22 18.12
CA LYS B 9 17.24 14.22 17.37
C LYS B 9 17.40 13.82 15.91
N PHE B 10 17.65 12.53 15.67
CA PHE B 10 17.77 12.04 14.29
C PHE B 10 16.49 12.29 13.50
N HIS B 11 15.34 12.01 14.13
CA HIS B 11 14.06 12.26 13.46
C HIS B 11 13.83 13.75 13.24
N GLN B 12 14.21 14.59 14.21
CA GLN B 12 14.12 16.02 14.03
C GLN B 12 14.96 16.47 12.83
N LEU B 13 16.11 15.86 12.64
CA LEU B 13 16.96 16.17 11.48
C LEU B 13 16.31 15.70 10.18
N VAL B 14 15.74 14.50 10.18
CA VAL B 14 15.18 13.93 8.95
C VAL B 14 13.90 14.65 8.53
N ALA B 15 13.15 15.19 9.49
CA ALA B 15 11.80 15.67 9.21
C ALA B 15 11.69 16.72 8.09
N PRO B 16 12.58 17.71 7.98
CA PRO B 16 12.40 18.73 6.93
C PRO B 16 12.47 18.19 5.50
N PHE B 17 12.96 16.98 5.29
CA PHE B 17 13.10 16.43 3.95
C PHE B 17 11.93 15.56 3.51
N VAL B 18 10.94 15.35 4.39
CA VAL B 18 9.80 14.51 4.04
C VAL B 18 9.00 15.17 2.92
N GLY B 19 8.63 14.38 1.92
CA GLY B 19 7.93 14.89 0.76
C GLY B 19 8.81 15.38 -0.36
N GLN B 20 10.13 15.33 -0.20
CA GLN B 20 11.07 15.80 -1.20
C GLN B 20 11.56 14.64 -2.06
N LEU B 21 11.76 14.93 -3.35
CA LEU B 21 12.33 13.94 -4.26
C LEU B 21 13.80 13.72 -3.94
N VAL B 22 14.26 12.49 -4.17
CA VAL B 22 15.67 12.13 -3.98
C VAL B 22 16.38 12.33 -5.31
N VAL B 23 17.32 13.26 -5.35
CA VAL B 23 17.98 13.61 -6.60
C VAL B 23 19.07 12.59 -6.94
N THR B 24 19.93 12.27 -5.97
CA THR B 24 21.01 11.32 -6.17
C THR B 24 21.45 10.80 -4.81
N VAL B 25 22.29 9.75 -4.84
CA VAL B 25 22.71 9.08 -3.62
C VAL B 25 24.24 8.95 -3.60
N GLY B 26 24.76 8.68 -2.42
CA GLY B 26 26.18 8.43 -2.21
C GLY B 26 26.36 7.55 -0.99
N GLY B 27 27.62 7.23 -0.70
CA GLY B 27 27.97 6.38 0.42
C GLY B 27 28.71 5.13 -0.02
N ASN B 28 29.14 4.35 0.97
CA ASN B 28 29.91 3.14 0.73
C ASN B 28 29.09 1.88 0.90
N SER B 29 27.79 1.98 1.17
CA SER B 29 26.93 0.82 1.33
C SER B 29 26.20 0.60 0.00
N LYS B 30 26.75 -0.27 -0.83
CA LYS B 30 26.13 -0.69 -2.07
C LYS B 30 25.48 -2.07 -1.93
N LYS B 31 25.34 -2.56 -0.71
CA LYS B 31 24.69 -3.84 -0.47
C LYS B 31 23.21 -3.79 -0.84
N ILE B 32 22.55 -2.66 -0.54
CA ILE B 32 21.15 -2.49 -0.89
C ILE B 32 20.95 -1.80 -2.23
N ASN B 33 22.03 -1.34 -2.87
CA ASN B 33 21.98 -0.59 -4.12
C ASN B 33 21.11 0.63 -3.95
N PRO B 34 21.57 1.65 -3.21
CA PRO B 34 20.72 2.83 -2.96
C PRO B 34 20.35 3.61 -4.21
N ASN B 35 20.93 3.28 -5.37
CA ASN B 35 20.57 3.95 -6.61
C ASN B 35 19.12 3.69 -7.01
N LEU B 37 16.66 4.37 -5.12
CA LEU B 37 15.95 5.46 -4.49
C LEU B 37 15.92 6.74 -5.33
N GLU B 38 16.60 6.76 -6.48
CA GLU B 38 16.59 7.95 -7.32
C GLU B 38 15.19 8.23 -7.84
N LEU B 40 12.56 9.30 -6.25
CA LEU B 40 11.53 8.83 -5.33
C LEU B 40 11.43 9.83 -4.18
N ARG B 41 10.29 9.80 -3.49
CA ARG B 41 10.01 10.76 -2.43
C ARG B 41 10.16 10.12 -1.07
N LEU B 42 10.73 10.87 -0.13
CA LEU B 42 10.81 10.43 1.26
C LEU B 42 9.41 10.65 1.84
N GLN B 43 8.55 9.66 1.63
CA GLN B 43 7.12 9.83 1.90
C GLN B 43 6.81 9.82 3.39
N ASP B 44 7.63 9.18 4.21
CA ASP B 44 7.37 9.15 5.65
C ASP B 44 8.67 8.84 6.38
N SER B 45 8.71 9.27 7.64
CA SER B 45 9.82 9.00 8.53
C SER B 45 9.27 8.77 9.92
N GLN B 46 9.70 7.68 10.57
CA GLN B 46 9.20 7.31 11.88
C GLN B 46 10.30 6.65 12.69
N VAL B 47 10.15 6.72 14.01
CA VAL B 47 11.09 6.13 14.96
C VAL B 47 10.31 5.22 15.90
N HIS B 48 10.80 3.99 16.07
CA HIS B 48 10.18 3.05 17.00
C HIS B 48 11.26 2.15 17.57
N GLY B 49 11.59 2.34 18.85
CA GLY B 49 12.46 1.44 19.57
C GLY B 49 13.86 1.28 18.98
N LYS B 50 14.64 2.35 19.00
CA LYS B 50 16.04 2.34 18.58
C LYS B 50 16.22 2.01 17.10
N ASN B 51 15.19 2.26 16.29
CA ASN B 51 15.26 2.07 14.85
C ASN B 51 14.58 3.25 14.16
N LEU B 52 15.11 3.61 12.99
CA LEU B 52 14.58 4.69 12.17
C LEU B 52 14.09 4.12 10.85
N TYR B 53 12.83 4.39 10.51
CA TYR B 53 12.20 3.86 9.32
C TYR B 53 11.90 4.98 8.33
N LEU B 54 12.36 4.82 7.10
CA LEU B 54 12.13 5.79 6.03
C LEU B 54 11.41 5.09 4.88
N ASN B 55 10.41 5.78 4.31
CA ASN B 55 9.58 5.23 3.26
C ASN B 55 9.79 6.03 1.98
N PHE B 56 10.03 5.32 0.88
CA PHE B 56 10.25 5.93 -0.43
C PHE B 56 9.23 5.41 -1.42
N GLY B 57 8.62 6.33 -2.17
CA GLY B 57 7.64 5.93 -3.17
C GLY B 57 7.13 7.13 -3.94
N LEU B 58 6.14 6.87 -4.80
CA LEU B 58 5.51 7.90 -5.63
C LEU B 58 3.99 7.75 -5.46
N THR B 59 3.44 8.37 -4.43
CA THR B 59 2.02 8.30 -4.14
C THR B 59 1.35 9.62 -4.51
N GLU B 60 0.41 9.55 -5.45
CA GLU B 60 -0.37 10.72 -5.87
C GLU B 60 -1.65 10.78 -5.04
N ASP B 61 -2.63 11.56 -5.51
CA ASP B 61 -3.91 11.68 -4.83
C ASP B 61 -4.58 10.31 -4.69
N LEU B 62 -5.34 10.17 -3.60
CA LEU B 62 -6.14 8.98 -3.31
C LEU B 62 -5.30 7.73 -3.09
N GLY B 63 -3.98 7.86 -3.01
CA GLY B 63 -3.12 6.71 -2.84
C GLY B 63 -2.69 6.02 -4.12
N LEU B 64 -2.91 6.64 -5.28
CA LEU B 64 -2.58 5.96 -6.52
C LEU B 64 -1.17 6.31 -6.99
N PRO B 65 -0.47 5.36 -7.61
CA PRO B 65 0.86 5.64 -8.16
C PRO B 65 0.78 6.63 -9.32
N GLU B 66 1.96 7.02 -9.78
CA GLU B 66 2.06 8.02 -10.85
C GLU B 66 1.47 7.50 -12.16
N SER B 67 1.88 6.30 -12.57
CA SER B 67 1.36 5.65 -13.76
C SER B 67 0.72 4.33 -13.35
N PHE B 68 -0.51 4.09 -13.83
CA PHE B 68 -1.34 3.02 -13.29
C PHE B 68 -1.79 2.10 -14.40
N LEU B 69 -1.72 0.79 -14.15
CA LEU B 69 -2.28 -0.24 -15.01
C LEU B 69 -3.06 -1.21 -14.14
N LEU B 70 -4.32 -1.45 -14.49
CA LEU B 70 -5.20 -2.25 -13.65
C LEU B 70 -4.96 -3.76 -13.81
N PRO B 71 -5.00 -4.32 -15.03
CA PRO B 71 -5.21 -3.78 -16.38
C PRO B 71 -6.63 -4.00 -16.88
N ASN B 130 3.10 0.52 -6.10
CA ASN B 130 3.26 -0.20 -4.85
C ASN B 130 2.76 0.63 -3.67
N SER B 131 3.13 0.22 -2.46
CA SER B 131 2.83 0.97 -1.25
C SER B 131 4.06 1.68 -0.68
N GLY B 132 5.17 1.66 -1.40
CA GLY B 132 6.39 2.29 -0.95
C GLY B 132 7.40 1.29 -0.42
N LEU B 133 8.67 1.69 -0.44
CA LEU B 133 9.76 0.87 0.07
C LEU B 133 10.18 1.40 1.44
N TRP B 134 10.49 0.48 2.34
CA TRP B 134 10.92 0.83 3.69
C TRP B 134 12.39 0.49 3.88
N LEU B 135 13.18 1.47 4.31
CA LEU B 135 14.57 1.28 4.67
C LEU B 135 14.71 1.45 6.17
N CYS B 136 15.37 0.50 6.82
CA CYS B 136 15.55 0.52 8.26
C CYS B 136 16.99 0.90 8.58
N PHE B 137 17.16 1.79 9.54
CA PHE B 137 18.47 2.22 10.02
C PHE B 137 18.58 1.81 11.48
N HIS B 138 19.46 0.85 11.76
CA HIS B 138 19.72 0.39 13.12
C HIS B 138 21.00 1.08 13.61
N PHE B 139 20.85 2.02 14.54
CA PHE B 139 21.97 2.79 15.04
C PHE B 139 22.64 2.06 16.18
N GLY B 140 23.95 1.86 16.06
CA GLY B 140 24.72 1.21 17.10
C GLY B 140 25.03 2.17 18.23
N LEU B 141 26.10 1.86 18.96
CA LEU B 141 26.51 2.72 20.06
C LEU B 141 26.97 4.09 19.57
N PHE B 142 27.65 4.13 18.43
CA PHE B 142 28.22 5.35 17.89
C PHE B 142 27.54 5.83 16.62
N GLY B 143 26.37 5.27 16.29
CA GLY B 143 25.67 5.69 15.09
C GLY B 143 25.18 7.13 15.19
N SER B 144 25.10 7.78 14.02
CA SER B 144 24.64 9.15 13.95
C SER B 144 24.14 9.46 12.55
N VAL B 145 23.38 10.54 12.44
CA VAL B 145 22.97 11.09 11.15
C VAL B 145 23.23 12.59 11.16
N ARG B 146 23.63 13.12 10.00
CA ARG B 146 23.91 14.54 9.85
C ARG B 146 23.03 15.11 8.74
N ALA B 147 22.79 16.41 8.83
CA ALA B 147 21.96 17.14 7.87
C ALA B 147 22.81 18.22 7.21
N SER B 148 23.05 18.05 5.91
CA SER B 148 23.80 19.00 5.08
C SER B 148 25.22 19.23 5.58
N GLU B 149 25.74 18.36 6.44
CA GLU B 149 27.10 18.46 6.95
C GLU B 149 27.68 17.06 7.08
N LEU B 150 29.00 16.98 7.06
CA LEU B 150 29.71 15.71 7.15
C LEU B 150 30.50 15.63 8.45
N SER B 151 30.39 14.50 9.15
CA SER B 151 31.09 14.32 10.42
C SER B 151 32.58 14.12 10.20
N ARG B 152 33.35 14.47 11.24
CA ARG B 152 34.79 14.25 11.28
C ARG B 152 35.14 13.52 12.57
N ALA B 153 36.32 12.89 12.59
CA ALA B 153 36.72 12.04 13.70
C ALA B 153 38.21 12.18 13.97
N THR B 154 38.63 11.70 15.12
CA THR B 154 40.03 11.74 15.52
C THR B 154 40.59 10.32 15.65
N TRP B 162 43.05 8.59 11.48
CA TRP B 162 43.59 9.89 11.13
C TRP B 162 42.91 10.46 9.89
N LYS B 163 41.77 9.86 9.52
CA LYS B 163 41.04 10.27 8.33
C LYS B 163 39.55 10.38 8.66
N ASP B 164 38.86 11.24 7.91
CA ASP B 164 37.46 11.50 8.16
C ASP B 164 36.63 10.24 7.94
N PRO B 165 35.57 10.05 8.73
CA PRO B 165 34.69 8.89 8.52
C PRO B 165 33.92 9.01 7.22
N ILE B 166 33.69 7.85 6.60
CA ILE B 166 32.95 7.77 5.35
C ILE B 166 31.51 7.39 5.66
N PRO B 167 30.53 8.14 5.20
CA PRO B 167 29.13 7.80 5.52
C PRO B 167 28.68 6.54 4.79
N ARG B 168 27.90 5.72 5.49
CA ARG B 168 27.33 4.54 4.85
C ARG B 168 26.34 4.90 3.76
N LEU B 169 25.61 6.00 3.93
CA LEU B 169 24.64 6.42 2.92
C LEU B 169 24.51 7.94 2.95
N VAL B 170 24.33 8.52 1.76
CA VAL B 170 24.06 9.94 1.60
C VAL B 170 22.89 10.07 0.63
N LEU B 171 21.84 10.78 1.05
CA LEU B 171 20.66 11.00 0.25
C LEU B 171 20.57 12.48 -0.07
N HIS B 172 20.53 12.81 -1.37
CA HIS B 172 20.55 14.19 -1.82
C HIS B 172 19.15 14.65 -2.19
N PHE B 173 18.74 15.77 -1.60
CA PHE B 173 17.53 16.48 -1.98
C PHE B 173 17.92 17.88 -2.44
N ALA B 174 17.04 18.50 -3.23
CA ALA B 174 17.30 19.86 -3.68
C ALA B 174 17.54 20.80 -2.50
N LYS B 175 16.80 20.61 -1.41
CA LYS B 175 16.99 21.45 -0.22
C LYS B 175 18.30 21.14 0.49
N GLY B 176 18.65 19.86 0.60
CA GLY B 176 19.83 19.47 1.35
C GLY B 176 20.03 17.97 1.28
N PHE B 177 20.89 17.46 2.16
CA PHE B 177 21.20 16.04 2.16
C PHE B 177 21.32 15.51 3.58
N LEU B 178 21.17 14.19 3.70
CA LEU B 178 21.28 13.46 4.96
C LEU B 178 22.38 12.42 4.84
N ALA B 179 23.24 12.32 5.86
CA ALA B 179 24.33 11.37 5.90
C ALA B 179 24.24 10.49 7.13
N PHE B 180 24.39 9.17 6.94
CA PHE B 180 24.29 8.16 7.98
C PHE B 180 25.63 7.45 8.07
N TYR B 181 26.17 7.27 9.28
CA TYR B 181 27.56 6.85 9.42
C TYR B 181 27.76 5.46 10.01
N ASN B 182 27.47 5.25 11.29
CA ASN B 182 27.64 3.94 11.92
C ASN B 182 26.31 3.27 12.19
N CYS B 183 25.59 2.92 11.13
CA CYS B 183 24.29 2.29 11.29
C CYS B 183 24.14 1.17 10.28
N ARG B 184 23.35 0.17 10.65
CA ARG B 184 23.01 -0.92 9.74
C ARG B 184 21.86 -0.47 8.85
N ILE B 185 21.99 -0.72 7.55
CA ILE B 185 21.02 -0.25 6.55
C ILE B 185 20.54 -1.46 5.76
N TYR B 186 19.24 -1.74 5.85
CA TYR B 186 18.65 -2.89 5.20
C TYR B 186 17.18 -2.64 4.93
N TRP B 187 16.66 -3.26 3.88
CA TRP B 187 15.23 -3.18 3.60
C TRP B 187 14.43 -3.91 4.67
N CYS B 188 13.21 -3.42 4.91
CA CYS B 188 12.33 -4.04 5.89
C CYS B 188 10.89 -3.82 5.45
N LEU B 189 9.97 -4.55 6.09
CA LEU B 189 8.56 -4.42 5.76
C LEU B 189 8.01 -3.06 6.19
N GLY B 190 8.48 -2.53 7.32
CA GLY B 190 8.08 -1.22 7.77
C GLY B 190 7.70 -1.17 9.24
N PRO B 191 7.24 -0.01 9.68
CA PRO B 191 6.91 0.14 11.12
C PRO B 191 5.65 -0.61 11.54
N THR B 192 4.70 -0.80 10.63
CA THR B 192 3.42 -1.42 11.00
C THR B 192 3.61 -2.81 11.59
N VAL B 193 4.60 -3.55 11.12
CA VAL B 193 4.87 -4.90 11.60
C VAL B 193 5.99 -4.84 12.63
N LYS B 194 5.90 -5.69 13.64
CA LYS B 194 6.95 -5.77 14.64
C LYS B 194 8.24 -6.28 14.00
N PRO B 195 9.38 -5.67 14.31
CA PRO B 195 10.64 -6.16 13.72
C PRO B 195 10.97 -7.59 14.09
N THR B 196 10.54 -8.05 15.26
CA THR B 196 10.79 -9.43 15.68
C THR B 196 10.11 -10.42 14.75
N SER B 197 8.98 -10.05 14.16
CA SER B 197 8.30 -10.92 13.20
C SER B 197 8.89 -10.77 11.80
N ASP B 198 9.43 -9.60 11.48
CA ASP B 198 9.91 -9.32 10.12
C ASP B 198 11.06 -10.24 9.76
N ILE B 199 10.91 -10.97 8.64
CA ILE B 199 11.99 -11.86 8.20
C ILE B 199 13.12 -11.07 7.58
N LEU B 200 12.83 -9.93 6.97
CA LEU B 200 13.87 -9.11 6.35
C LEU B 200 14.69 -8.36 7.39
N SER B 201 14.07 -7.95 8.49
CA SER B 201 14.76 -7.15 9.49
C SER B 201 15.82 -7.96 10.20
N GLU B 202 16.96 -7.33 10.50
CA GLU B 202 18.03 -8.00 11.23
C GLU B 202 17.59 -8.40 12.62
N GLU B 203 16.68 -7.64 13.24
CA GLU B 203 16.17 -7.95 14.57
C GLU B 203 15.01 -8.94 14.46
N PHE B 204 15.34 -10.13 13.97
CA PHE B 204 14.36 -11.19 13.73
C PHE B 204 14.38 -12.16 14.90
N ASP B 205 13.21 -12.39 15.51
CA ASP B 205 13.10 -13.21 16.72
C ASP B 205 13.12 -14.67 16.29
N ARG B 206 14.31 -15.24 16.16
CA ARG B 206 14.44 -16.63 15.78
C ARG B 206 13.99 -17.58 16.87
N ARG B 207 14.00 -17.13 18.13
CA ARG B 207 13.42 -17.94 19.21
C ARG B 207 11.92 -18.13 18.99
N GLN B 208 11.20 -17.02 18.74
CA GLN B 208 9.79 -17.12 18.36
C GLN B 208 9.62 -18.00 17.14
N ALA B 209 10.50 -17.86 16.15
CA ALA B 209 10.36 -18.61 14.91
C ALA B 209 10.48 -20.11 15.16
N LEU B 210 11.46 -20.52 15.98
CA LEU B 210 11.62 -21.95 16.23
C LEU B 210 10.52 -22.49 17.15
N GLU B 211 10.08 -21.68 18.12
CA GLU B 211 8.96 -22.10 18.97
C GLU B 211 7.70 -22.33 18.14
N ALA B 212 7.46 -21.48 17.15
CA ALA B 212 6.31 -21.68 16.27
C ALA B 212 6.53 -22.84 15.29
N LEU B 213 7.76 -22.97 14.78
CA LEU B 213 8.04 -23.95 13.75
C LEU B 213 8.02 -25.38 14.29
N LYS B 214 8.42 -25.57 15.54
CA LYS B 214 8.42 -26.90 16.14
C LYS B 214 7.03 -27.39 16.49
N GLN B 215 5.99 -26.59 16.26
CA GLN B 215 4.62 -26.94 16.61
C GLN B 215 4.09 -28.14 15.84
N ALA B 216 2.87 -28.56 16.15
CA ALA B 216 2.29 -29.76 15.55
C ALA B 216 1.99 -29.55 14.06
N SER B 217 1.51 -28.36 13.69
CA SER B 217 1.02 -28.13 12.33
C SER B 217 2.13 -28.36 11.31
N PRO B 218 1.76 -28.68 10.07
CA PRO B 218 2.76 -28.84 9.02
C PRO B 218 3.54 -27.55 8.77
N VAL B 219 4.75 -27.71 8.22
CA VAL B 219 5.66 -26.58 8.09
C VAL B 219 5.12 -25.54 7.13
N SER B 220 4.42 -25.96 6.08
CA SER B 220 3.86 -25.00 5.13
C SER B 220 2.86 -24.06 5.81
N TYR B 221 2.02 -24.62 6.70
CA TYR B 221 1.04 -23.80 7.39
C TYR B 221 1.71 -22.84 8.37
N THR B 222 2.73 -23.31 9.08
CA THR B 222 3.42 -22.46 10.05
C THR B 222 4.19 -21.33 9.38
N LEU B 223 4.82 -21.62 8.23
CA LEU B 223 5.59 -20.60 7.53
C LEU B 223 4.72 -19.39 7.15
N LEU B 224 3.48 -19.63 6.75
CA LEU B 224 2.60 -18.55 6.32
C LEU B 224 2.02 -17.74 7.46
N ASP B 225 2.28 -18.12 8.72
CA ASP B 225 1.78 -17.36 9.85
C ASP B 225 2.54 -16.04 9.94
N GLN B 226 1.85 -14.94 9.65
CA GLN B 226 2.50 -13.63 9.63
C GLN B 226 2.93 -13.17 11.01
N ARG B 227 2.30 -13.68 12.08
CA ARG B 227 2.67 -13.27 13.43
C ARG B 227 4.13 -13.60 13.74
N TYR B 228 4.67 -14.65 13.11
CA TYR B 228 6.03 -15.09 13.38
C TYR B 228 6.94 -15.07 12.16
N PHE B 229 6.39 -15.12 10.95
CA PHE B 229 7.15 -15.11 9.70
C PHE B 229 6.60 -14.04 8.76
N ALA B 230 6.44 -12.82 9.28
CA ALA B 230 5.80 -11.76 8.53
C ALA B 230 6.53 -11.50 7.20
N GLY B 231 5.74 -11.22 6.16
CA GLY B 231 6.26 -10.99 4.83
C GLY B 231 6.47 -12.23 3.99
N LEU B 232 6.37 -13.41 4.58
CA LEU B 232 6.58 -14.66 3.86
C LEU B 232 5.30 -15.05 3.12
N GLY B 233 5.39 -15.13 1.79
CA GLY B 233 4.27 -15.49 0.96
C GLY B 233 4.44 -16.86 0.32
N ASN B 234 3.73 -17.06 -0.80
CA ASN B 234 3.69 -18.36 -1.45
C ASN B 234 5.04 -18.73 -2.06
N ILE B 235 5.63 -17.81 -2.83
CA ILE B 235 6.85 -18.12 -3.58
C ILE B 235 8.00 -18.43 -2.63
N ILE B 236 8.19 -17.58 -1.61
CA ILE B 236 9.24 -17.82 -0.63
C ILE B 236 8.99 -19.14 0.08
N LYS B 237 7.72 -19.43 0.41
CA LYS B 237 7.40 -20.69 1.06
C LYS B 237 7.87 -21.88 0.22
N ASN B 238 7.46 -21.93 -1.05
CA ASN B 238 7.80 -23.09 -1.87
C ASN B 238 9.31 -23.18 -2.10
N GLU B 239 9.96 -22.06 -2.39
CA GLU B 239 11.40 -22.09 -2.67
C GLU B 239 12.20 -22.49 -1.44
N VAL B 240 11.87 -21.92 -0.28
CA VAL B 240 12.56 -22.27 0.95
C VAL B 240 12.32 -23.72 1.33
N LEU B 241 11.11 -24.23 1.05
CA LEU B 241 10.84 -25.63 1.34
C LEU B 241 11.68 -26.55 0.45
N TYR B 242 11.82 -26.21 -0.83
CA TYR B 242 12.68 -27.04 -1.68
C TYR B 242 14.14 -26.95 -1.27
N LEU B 243 14.60 -25.75 -0.91
CA LEU B 243 16.02 -25.57 -0.61
C LEU B 243 16.46 -26.42 0.58
N ALA B 244 15.57 -26.57 1.56
CA ALA B 244 15.86 -27.45 2.70
C ALA B 244 15.52 -28.90 2.40
N ARG B 245 14.99 -29.21 1.23
CA ARG B 245 14.64 -30.58 0.83
C ARG B 245 13.66 -31.20 1.82
N ILE B 246 12.64 -30.42 2.21
CA ILE B 246 11.64 -30.85 3.19
C ILE B 246 10.27 -30.84 2.55
N HIS B 247 9.43 -31.78 2.95
CA HIS B 247 8.09 -31.89 2.39
C HIS B 247 7.20 -30.78 2.94
N PRO B 248 6.31 -30.23 2.12
CA PRO B 248 5.44 -29.13 2.61
C PRO B 248 4.56 -29.55 3.77
N LEU B 249 4.12 -30.80 3.82
CA LEU B 249 3.18 -31.27 4.84
C LEU B 249 3.88 -31.92 6.02
N SER B 250 5.21 -31.99 6.03
CA SER B 250 5.92 -32.55 7.17
C SER B 250 5.66 -31.73 8.42
N LEU B 251 5.50 -32.42 9.54
CA LEU B 251 5.20 -31.75 10.80
C LEU B 251 6.48 -31.21 11.43
N GLY B 252 6.36 -30.08 12.13
CA GLY B 252 7.50 -29.49 12.80
C GLY B 252 8.00 -30.29 13.98
N SER B 253 7.15 -31.14 14.56
CA SER B 253 7.60 -32.04 15.63
C SER B 253 8.39 -33.21 15.08
N CYS B 254 8.09 -33.66 13.86
CA CYS B 254 8.73 -34.83 13.28
C CYS B 254 9.91 -34.47 12.37
N LEU B 255 10.56 -33.34 12.62
CA LEU B 255 11.71 -32.91 11.84
C LEU B 255 12.91 -32.72 12.75
N THR B 256 14.10 -32.96 12.18
CA THR B 256 15.33 -32.81 12.93
C THR B 256 15.65 -31.33 13.14
N PRO B 257 16.31 -30.99 14.25
CA PRO B 257 16.73 -29.59 14.46
C PRO B 257 17.70 -29.10 13.40
N LEU B 258 18.48 -29.99 12.79
CA LEU B 258 19.34 -29.61 11.69
C LEU B 258 18.52 -29.05 10.52
N ASN B 259 17.49 -29.80 10.12
CA ASN B 259 16.62 -29.34 9.03
C ASN B 259 15.89 -28.06 9.41
N LEU B 260 15.52 -27.92 10.69
CA LEU B 260 14.84 -26.71 11.13
C LEU B 260 15.75 -25.49 11.00
N GLU B 261 16.99 -25.63 11.45
CA GLU B 261 17.94 -24.53 11.33
C GLU B 261 18.24 -24.22 9.86
N SER B 262 18.35 -25.25 9.04
CA SER B 262 18.59 -25.04 7.61
C SER B 262 17.44 -24.27 6.97
N LEU B 263 16.21 -24.69 7.26
CA LEU B 263 15.03 -23.98 6.76
C LEU B 263 15.01 -22.53 7.23
N LEU B 264 15.27 -22.30 8.52
CA LEU B 264 15.20 -20.95 9.05
C LEU B 264 16.26 -20.04 8.45
N ASP B 265 17.45 -20.59 8.17
CA ASP B 265 18.49 -19.78 7.54
C ASP B 265 18.17 -19.53 6.06
N HIS B 266 17.65 -20.55 5.36
CA HIS B 266 17.26 -20.36 3.98
C HIS B 266 16.16 -19.33 3.84
N VAL B 267 15.27 -19.22 4.83
CA VAL B 267 14.27 -18.15 4.83
C VAL B 267 14.93 -16.80 4.70
N VAL B 268 15.84 -16.49 5.63
CA VAL B 268 16.45 -15.15 5.69
C VAL B 268 17.32 -14.91 4.45
N SER B 269 18.00 -15.95 3.98
CA SER B 269 18.85 -15.78 2.80
C SER B 269 18.02 -15.51 1.55
N PHE B 270 17.08 -16.42 1.25
CA PHE B 270 16.29 -16.31 0.03
C PHE B 270 15.43 -15.07 0.03
N SER B 271 14.91 -14.64 1.19
CA SER B 271 14.07 -13.45 1.21
C SER B 271 14.83 -12.23 0.70
N VAL B 272 16.01 -11.96 1.27
CA VAL B 272 16.77 -10.79 0.88
C VAL B 272 17.30 -10.94 -0.56
N GLY B 273 17.69 -12.16 -0.94
CA GLY B 273 18.17 -12.35 -2.30
C GLY B 273 17.09 -12.08 -3.33
N TRP B 274 15.91 -12.65 -3.11
CA TRP B 274 14.77 -12.44 -4.00
C TRP B 274 14.37 -10.96 -4.02
N LEU B 275 14.38 -10.30 -2.87
CA LEU B 275 14.04 -8.89 -2.82
C LEU B 275 15.01 -8.06 -3.67
N GLN B 276 16.31 -8.28 -3.49
CA GLN B 276 17.29 -7.51 -4.25
C GLN B 276 17.19 -7.80 -5.74
N LYS B 277 16.93 -9.06 -6.11
CA LYS B 277 16.76 -9.39 -7.51
C LYS B 277 15.52 -8.71 -8.09
N LYS B 278 14.45 -8.62 -7.30
CA LYS B 278 13.19 -8.06 -7.81
C LYS B 278 13.26 -6.54 -7.92
N LEU B 279 13.85 -5.87 -6.93
CA LEU B 279 13.98 -4.41 -7.00
C LEU B 279 14.77 -3.99 -8.23
N GLU B 280 15.95 -4.57 -8.43
CA GLU B 280 16.78 -4.24 -9.58
C GLU B 280 16.19 -4.70 -10.90
N GLY B 281 15.07 -5.44 -10.88
CA GLY B 281 14.45 -5.89 -12.09
C GLY B 281 15.15 -7.00 -12.82
N LYS B 282 16.24 -7.54 -12.26
CA LYS B 282 16.98 -8.60 -12.92
C LYS B 282 16.11 -9.84 -13.05
N PRO B 283 16.20 -10.56 -14.17
CA PRO B 283 15.40 -11.78 -14.33
C PRO B 283 15.73 -12.80 -13.26
N LEU B 284 14.69 -13.38 -12.68
CA LEU B 284 14.82 -14.35 -11.60
C LEU B 284 14.46 -15.74 -12.10
N HIS B 285 15.33 -16.71 -11.83
CA HIS B 285 15.12 -18.10 -12.26
C HIS B 285 14.52 -18.87 -11.10
N HIS B 286 13.28 -19.34 -11.28
CA HIS B 286 12.61 -20.10 -10.23
C HIS B 286 13.07 -21.54 -10.25
N LEU B 287 13.34 -22.08 -9.05
CA LEU B 287 13.84 -23.45 -8.94
C LEU B 287 12.69 -24.45 -8.93
N ILE B 288 11.72 -24.27 -8.04
CA ILE B 288 10.60 -25.20 -7.90
C ILE B 288 9.25 -24.53 -8.06
N TYR B 289 9.19 -23.19 -8.06
CA TYR B 289 7.91 -22.49 -8.17
C TYR B 289 7.46 -22.51 -9.62
N GLN B 290 6.29 -23.12 -9.88
CA GLN B 290 5.72 -23.23 -11.22
C GLN B 290 6.67 -23.93 -12.19
N LYS B 291 7.50 -24.83 -11.66
CA LYS B 291 8.45 -25.59 -12.47
C LYS B 291 7.95 -27.02 -12.62
N GLU B 292 7.92 -27.50 -13.87
CA GLU B 292 7.44 -28.86 -14.11
C GLU B 292 8.42 -29.91 -13.58
N GLN B 293 9.71 -29.70 -13.79
CA GLN B 293 10.74 -30.62 -13.36
C GLN B 293 11.71 -29.94 -12.41
N CYS B 294 12.20 -30.71 -11.44
CA CYS B 294 13.17 -30.23 -10.47
C CYS B 294 14.51 -30.01 -11.16
N PRO B 295 15.50 -29.42 -10.46
CA PRO B 295 16.86 -29.37 -11.04
C PRO B 295 17.38 -30.73 -11.48
N ALA B 296 17.13 -31.78 -10.69
CA ALA B 296 17.50 -33.12 -11.14
C ALA B 296 16.64 -33.58 -12.30
N GLY B 297 15.39 -33.15 -12.36
CA GLY B 297 14.49 -33.47 -13.47
C GLY B 297 13.25 -34.25 -13.09
N HIS B 298 13.03 -34.58 -11.82
CA HIS B 298 11.82 -35.30 -11.44
C HIS B 298 10.59 -34.40 -11.60
N GLN B 299 9.49 -35.00 -12.07
CA GLN B 299 8.25 -34.27 -12.20
C GLN B 299 7.81 -33.69 -10.86
N VAL B 300 7.35 -32.44 -10.89
CA VAL B 300 6.95 -31.72 -9.68
C VAL B 300 5.43 -31.78 -9.56
N LYS B 302 1.68 -30.58 -7.96
CA LYS B 302 1.02 -29.34 -7.60
C LYS B 302 -0.32 -29.66 -6.95
N ASP B 303 -0.56 -29.05 -5.80
CA ASP B 303 -1.84 -29.21 -5.10
C ASP B 303 -2.00 -28.03 -4.15
N SER B 304 -3.19 -27.92 -3.57
CA SER B 304 -3.55 -26.81 -2.69
C SER B 304 -3.75 -27.32 -1.27
N PHE B 305 -3.09 -26.67 -0.33
CA PHE B 305 -3.24 -26.99 1.09
C PHE B 305 -3.32 -25.69 1.88
N GLY B 306 -4.07 -25.72 2.98
CA GLY B 306 -4.18 -24.59 3.85
C GLY B 306 -4.77 -24.95 5.21
N PRO B 307 -4.85 -23.97 6.11
CA PRO B 307 -5.44 -24.15 7.44
C PRO B 307 -6.93 -23.84 7.48
N PHE B 311 -7.23 -20.56 4.73
CA PHE B 311 -7.52 -20.56 3.29
C PHE B 311 -6.31 -21.13 2.54
N GLN B 312 -6.59 -21.95 1.53
CA GLN B 312 -5.58 -22.78 0.88
C GLN B 312 -4.90 -22.05 -0.28
N ARG B 313 -3.62 -22.37 -0.48
CA ARG B 313 -2.81 -21.79 -1.54
C ARG B 313 -2.11 -22.89 -2.32
N LEU B 314 -1.75 -22.57 -3.56
CA LEU B 314 -1.10 -23.53 -4.45
C LEU B 314 0.34 -23.79 -3.99
N THR B 315 0.75 -25.06 -4.05
CA THR B 315 2.05 -25.48 -3.56
C THR B 315 2.73 -26.38 -4.59
N TRP B 316 4.07 -26.28 -4.63
CA TRP B 316 4.90 -27.13 -5.46
C TRP B 316 5.91 -27.87 -4.60
N TRP B 317 6.16 -29.13 -4.94
CA TRP B 317 7.19 -29.90 -4.26
C TRP B 317 7.58 -31.09 -5.12
N CYS B 318 8.83 -31.53 -4.94
CA CYS B 318 9.34 -32.72 -5.59
C CYS B 318 9.40 -33.85 -4.58
N PRO B 319 8.51 -34.85 -4.65
CA PRO B 319 8.54 -35.94 -3.65
C PRO B 319 9.88 -36.67 -3.58
N HIS B 320 10.50 -36.93 -4.74
CA HIS B 320 11.82 -37.58 -4.73
C HIS B 320 12.85 -36.71 -4.02
N CYS B 321 12.88 -35.42 -4.33
CA CYS B 321 13.81 -34.52 -3.67
C CYS B 321 13.38 -34.21 -2.24
N GLN B 322 12.07 -34.18 -1.98
CA GLN B 322 11.50 -33.80 -0.70
C GLN B 322 10.67 -34.96 -0.16
N PRO B 323 11.27 -35.87 0.60
CA PRO B 323 10.49 -36.98 1.17
C PRO B 323 9.53 -36.49 2.24
N LYS B 324 8.46 -37.25 2.44
CA LYS B 324 7.36 -36.81 3.29
C LYS B 324 7.76 -36.84 4.77
N ALA B 325 8.51 -37.85 5.18
CA ALA B 325 8.90 -38.03 6.58
C ALA B 325 7.68 -38.06 7.50
#